data_5Y7X
#
_entry.id   5Y7X
#
_cell.length_a   39.766
_cell.length_b   93.896
_cell.length_c   96.871
_cell.angle_alpha   90.00
_cell.angle_beta   97.40
_cell.angle_gamma   90.00
#
_symmetry.space_group_name_H-M   'P 1 21 1'
#
loop_
_entity.id
_entity.type
_entity.pdbx_description
1 polymer 'Peroxisome proliferator-activated receptor delta'
2 non-polymer '2-[2-methyl-4-[[4-methyl-2-[4-(trifluoromethyl)phenyl]-1,3-selenazol-5-yl]methylsulfanyl]phenoxy]ethanoic acid'
3 non-polymer 'POTASSIUM ION'
4 non-polymer 'CHLORIDE ION'
5 non-polymer S-1,2-PROPANEDIOL
6 non-polymer 'hexyl beta-D-glucopyranoside'
7 water water
#
_entity_poly.entity_id   1
_entity_poly.type   'polypeptide(L)'
_entity_poly.pdbx_seq_one_letter_code
;MGSSHHHHHHSSGLVPRGSHMQVADLKAFSKHIYNAYLKNFNMTKKKARSILTGKASHTAPFVIHDIETLWQAEKGLVWK
QLVNGLPPYKEISVHVFYRCQCTTVETVRELTEFAKSIPSFSSLFLNDQVTLLKYGVHEAIFAMLASIVNKDGLLVANGS
GFVTREFLRSLRKPFSDIIEPKFEFAVKFNALELDDSDLALFIAAIILCGDRPGLMNVPRVEAIQDTILRALEFHLQANH
PDAQYLFPKLLQKMADLRQLVTEHAQMMQRIKKTETETSLHPLLQEIYKDMY
;
_entity_poly.pdbx_strand_id   A,B
#
# COMPACT_ATOMS: atom_id res chain seq x y z
N ALA A 24 16.86 -20.51 16.49
CA ALA A 24 15.83 -21.45 16.07
C ALA A 24 14.56 -20.71 15.71
N ASP A 25 14.34 -19.55 16.34
CA ASP A 25 13.28 -18.67 15.87
C ASP A 25 13.54 -18.22 14.44
N LEU A 26 14.81 -18.04 14.09
CA LEU A 26 15.15 -17.66 12.73
C LEU A 26 14.74 -18.75 11.74
N LYS A 27 14.86 -20.02 12.15
CA LYS A 27 14.45 -21.12 11.28
C LYS A 27 12.96 -21.04 10.96
N ALA A 28 12.14 -20.80 11.98
CA ALA A 28 10.71 -20.62 11.76
C ALA A 28 10.44 -19.41 10.88
N PHE A 29 11.13 -18.31 11.16
CA PHE A 29 10.99 -17.08 10.36
C PHE A 29 11.31 -17.36 8.90
N SER A 30 12.39 -18.09 8.66
CA SER A 30 12.76 -18.45 7.30
C SER A 30 11.68 -19.32 6.64
N LYS A 31 11.17 -20.32 7.36
CA LYS A 31 10.14 -21.18 6.77
C LYS A 31 8.91 -20.37 6.38
N HIS A 32 8.55 -19.36 7.18
CA HIS A 32 7.41 -18.52 6.83
C HIS A 32 7.67 -17.76 5.53
N ILE A 33 8.86 -17.21 5.36
CA ILE A 33 9.15 -16.47 4.12
C ILE A 33 9.17 -17.42 2.93
N TYR A 34 9.72 -18.63 3.12
CA TYR A 34 9.70 -19.64 2.06
C TYR A 34 8.27 -19.96 1.63
N ASN A 35 7.35 -20.12 2.60
CA ASN A 35 5.96 -20.41 2.25
C ASN A 35 5.33 -19.26 1.47
N ALA A 36 5.63 -18.01 1.88
CA ALA A 36 5.13 -16.86 1.12
C ALA A 36 5.60 -16.92 -0.33
N TYR A 37 6.84 -17.35 -0.53
CA TYR A 37 7.40 -17.43 -1.88
C TYR A 37 6.71 -18.53 -2.68
N LEU A 38 6.55 -19.72 -2.07
CA LEU A 38 5.88 -20.82 -2.76
C LEU A 38 4.43 -20.51 -3.07
N LYS A 39 3.79 -19.69 -2.23
CA LYS A 39 2.38 -19.36 -2.40
C LYS A 39 2.16 -18.34 -3.51
N ASN A 40 3.14 -17.48 -3.81
CA ASN A 40 2.87 -16.29 -4.60
C ASN A 40 3.61 -16.17 -5.93
N PHE A 41 4.67 -16.93 -6.16
CA PHE A 41 5.36 -16.80 -7.44
C PHE A 41 4.89 -17.85 -8.43
N ASN A 42 4.69 -17.43 -9.67
CA ASN A 42 4.14 -18.37 -10.62
C ASN A 42 5.13 -19.44 -11.02
N MET A 43 6.42 -19.11 -11.03
CA MET A 43 7.47 -20.01 -11.49
C MET A 43 8.55 -20.09 -10.41
N THR A 44 8.86 -21.30 -9.96
CA THR A 44 10.01 -21.54 -9.07
C THR A 44 11.26 -21.83 -9.91
N LYS A 45 12.42 -21.64 -9.27
CA LYS A 45 13.66 -22.05 -9.91
C LYS A 45 13.71 -23.56 -10.11
N LYS A 46 13.21 -24.35 -9.14
CA LYS A 46 13.17 -25.79 -9.34
C LYS A 46 12.41 -26.17 -10.61
N LYS A 47 11.21 -25.60 -10.79
CA LYS A 47 10.44 -25.87 -12.00
C LYS A 47 11.20 -25.40 -13.24
N ALA A 48 11.73 -24.18 -13.19
CA ALA A 48 12.38 -23.62 -14.37
C ALA A 48 13.59 -24.46 -14.78
N ARG A 49 14.41 -24.89 -13.82
CA ARG A 49 15.62 -25.62 -14.19
C ARG A 49 15.27 -26.97 -14.81
N SER A 50 14.19 -27.61 -14.35
CA SER A 50 13.77 -28.87 -14.97
C SER A 50 13.32 -28.64 -16.41
N ILE A 51 12.63 -27.53 -16.67
CA ILE A 51 12.24 -27.22 -18.05
C ILE A 51 13.48 -26.98 -18.90
N LEU A 52 14.43 -26.19 -18.39
CA LEU A 52 15.61 -25.83 -19.17
C LEU A 52 16.56 -26.98 -19.40
N THR A 53 16.40 -28.11 -18.69
CA THR A 53 17.22 -29.29 -18.92
C THR A 53 16.46 -30.41 -19.63
N GLY A 54 15.27 -30.14 -20.16
CA GLY A 54 14.49 -31.15 -20.85
C GLY A 54 13.95 -32.24 -19.95
N HIS A 58 7.99 -34.90 -22.82
CA HIS A 58 6.57 -34.55 -22.79
C HIS A 58 6.23 -33.44 -23.78
N THR A 59 6.66 -32.22 -23.44
CA THR A 59 6.49 -31.04 -24.29
C THR A 59 7.60 -30.05 -23.95
N ALA A 60 8.46 -29.78 -24.90
CA ALA A 60 9.51 -28.80 -24.65
C ALA A 60 9.00 -27.40 -24.96
N PRO A 61 9.65 -26.37 -24.43
CA PRO A 61 9.23 -25.00 -24.75
C PRO A 61 9.43 -24.69 -26.23
N PHE A 62 8.54 -23.87 -26.77
CA PHE A 62 8.68 -23.43 -28.15
C PHE A 62 9.78 -22.37 -28.24
N VAL A 63 10.73 -22.58 -29.16
CA VAL A 63 11.91 -21.75 -29.24
C VAL A 63 11.66 -20.58 -30.18
N ILE A 64 11.76 -19.37 -29.63
CA ILE A 64 11.64 -18.12 -30.35
C ILE A 64 13.05 -17.61 -30.64
N HIS A 65 13.44 -17.60 -31.91
CA HIS A 65 14.80 -17.24 -32.28
C HIS A 65 14.87 -16.32 -33.49
N ASP A 66 13.73 -15.91 -34.03
CA ASP A 66 13.69 -15.00 -35.19
C ASP A 66 12.26 -14.50 -35.35
N ILE A 67 12.05 -13.65 -36.35
CA ILE A 67 10.73 -13.04 -36.54
C ILE A 67 9.68 -14.11 -36.74
N GLU A 68 9.98 -15.11 -37.59
CA GLU A 68 8.98 -16.10 -37.95
C GLU A 68 8.51 -16.88 -36.74
N THR A 69 9.44 -17.30 -35.88
CA THR A 69 9.03 -18.06 -34.70
C THR A 69 8.35 -17.17 -33.66
N LEU A 70 8.71 -15.89 -33.59
CA LEU A 70 7.97 -15.01 -32.69
C LEU A 70 6.51 -14.89 -33.12
N TRP A 71 6.27 -14.79 -34.43
CA TRP A 71 4.89 -14.73 -34.91
C TRP A 71 4.14 -16.01 -34.58
N GLN A 72 4.78 -17.17 -34.80
CA GLN A 72 4.13 -18.44 -34.46
C GLN A 72 3.78 -18.47 -32.97
N ALA A 73 4.68 -17.96 -32.13
CA ALA A 73 4.43 -17.95 -30.69
C ALA A 73 3.25 -17.04 -30.34
N GLU A 74 3.13 -15.89 -31.02
CA GLU A 74 2.00 -15.00 -30.75
C GLU A 74 0.70 -15.57 -31.30
N LYS A 75 0.76 -16.38 -32.36
CA LYS A 75 -0.47 -16.94 -32.95
C LYS A 75 -1.14 -17.98 -32.05
N GLY A 76 -0.49 -18.40 -30.97
CA GLY A 76 -1.10 -19.37 -30.08
C GLY A 76 -0.13 -20.44 -29.67
N LEU A 77 0.98 -20.55 -30.40
CA LEU A 77 2.01 -21.50 -30.01
C LEU A 77 2.54 -21.25 -28.60
N VAL A 78 2.28 -20.08 -28.03
CA VAL A 78 2.79 -19.73 -26.70
C VAL A 78 1.78 -18.86 -25.97
N TRP A 79 1.39 -17.75 -26.59
CA TRP A 79 0.45 -16.81 -25.99
C TRP A 79 -0.96 -17.00 -26.52
N LEU A 86 -1.66 -5.47 -25.56
CA LEU A 86 -0.44 -4.78 -25.98
C LEU A 86 -0.73 -3.72 -27.04
N PRO A 87 0.07 -2.65 -27.04
CA PRO A 87 -0.12 -1.57 -28.02
C PRO A 87 0.00 -2.08 -29.45
N PRO A 88 -0.51 -1.32 -30.42
CA PRO A 88 -0.50 -1.79 -31.80
C PRO A 88 0.92 -2.07 -32.28
N TYR A 89 1.06 -3.16 -33.01
CA TYR A 89 2.37 -3.66 -33.42
C TYR A 89 3.03 -2.71 -34.40
N LYS A 90 4.15 -2.10 -33.97
CA LYS A 90 4.96 -1.23 -34.82
C LYS A 90 6.09 -2.01 -35.49
N GLU A 91 6.98 -2.59 -34.71
CA GLU A 91 8.14 -3.29 -35.24
C GLU A 91 8.62 -4.30 -34.19
N ILE A 92 9.52 -5.18 -34.62
CA ILE A 92 9.90 -6.35 -33.81
C ILE A 92 10.52 -5.90 -32.48
N SER A 93 11.47 -4.99 -32.54
CA SER A 93 12.22 -4.64 -31.33
C SER A 93 11.32 -3.96 -30.30
N VAL A 94 10.36 -3.16 -30.77
CA VAL A 94 9.41 -2.48 -29.90
C VAL A 94 8.40 -3.48 -29.37
N HIS A 95 7.97 -4.42 -30.20
CA HIS A 95 7.10 -5.47 -29.70
C HIS A 95 7.73 -6.20 -28.54
N VAL A 96 9.00 -6.59 -28.66
CA VAL A 96 9.70 -7.28 -27.58
C VAL A 96 9.77 -6.37 -26.36
N PHE A 97 10.05 -5.08 -26.57
CA PHE A 97 10.09 -4.11 -25.47
C PHE A 97 8.77 -4.10 -24.71
N TYR A 98 7.65 -4.13 -25.44
CA TYR A 98 6.35 -4.18 -24.76
C TYR A 98 6.15 -5.49 -24.01
N ARG A 99 6.64 -6.60 -24.55
CA ARG A 99 6.50 -7.85 -23.81
C ARG A 99 7.37 -7.84 -22.56
N CYS A 100 8.54 -7.18 -22.62
CA CYS A 100 9.34 -7.00 -21.40
C CYS A 100 8.54 -6.24 -20.34
N GLN A 101 7.85 -5.18 -20.75
CA GLN A 101 7.06 -4.40 -19.82
C GLN A 101 5.93 -5.22 -19.21
N CYS A 102 5.20 -5.98 -20.05
CA CYS A 102 4.13 -6.81 -19.51
C CYS A 102 4.67 -7.80 -18.49
N THR A 103 5.81 -8.42 -18.80
CA THR A 103 6.40 -9.38 -17.87
C THR A 103 6.75 -8.70 -16.56
N THR A 104 7.28 -7.48 -16.63
CA THR A 104 7.69 -6.77 -15.42
C THR A 104 6.50 -6.43 -14.55
N VAL A 105 5.42 -5.94 -15.16
CA VAL A 105 4.21 -5.58 -14.41
C VAL A 105 3.65 -6.80 -13.71
N GLU A 106 3.66 -7.95 -14.38
CA GLU A 106 3.17 -9.18 -13.76
C GLU A 106 4.01 -9.55 -12.55
N THR A 107 5.33 -9.44 -12.67
CA THR A 107 6.18 -9.77 -11.53
C THR A 107 6.00 -8.77 -10.39
N VAL A 108 5.69 -7.50 -10.70
CA VAL A 108 5.40 -6.57 -9.61
C VAL A 108 4.17 -7.03 -8.84
N ARG A 109 3.15 -7.53 -9.55
CA ARG A 109 1.99 -8.11 -8.86
C ARG A 109 2.41 -9.21 -7.90
N GLU A 110 3.20 -10.16 -8.41
CA GLU A 110 3.62 -11.29 -7.58
C GLU A 110 4.46 -10.83 -6.40
N LEU A 111 5.39 -9.91 -6.64
CA LEU A 111 6.25 -9.45 -5.54
C LEU A 111 5.45 -8.69 -4.49
N THR A 112 4.43 -7.95 -4.93
CA THR A 112 3.54 -7.28 -3.98
C THR A 112 2.86 -8.29 -3.08
N GLU A 113 2.31 -9.36 -3.67
CA GLU A 113 1.66 -10.38 -2.87
C GLU A 113 2.66 -11.12 -1.99
N PHE A 114 3.85 -11.41 -2.53
CA PHE A 114 4.89 -12.03 -1.72
C PHE A 114 5.21 -11.18 -0.48
N ALA A 115 5.43 -9.89 -0.67
CA ALA A 115 5.77 -9.04 0.47
C ALA A 115 4.60 -8.96 1.45
N LYS A 116 3.37 -8.84 0.94
CA LYS A 116 2.21 -8.80 1.82
C LYS A 116 2.08 -10.07 2.65
N SER A 117 2.53 -11.21 2.11
CA SER A 117 2.50 -12.47 2.85
C SER A 117 3.61 -12.56 3.89
N ILE A 118 4.43 -11.52 4.03
CA ILE A 118 5.42 -11.44 5.09
C ILE A 118 4.84 -10.56 6.20
N PRO A 119 4.54 -11.10 7.39
CA PRO A 119 3.82 -10.30 8.40
C PRO A 119 4.50 -8.99 8.77
N SER A 120 5.82 -8.99 8.95
CA SER A 120 6.48 -7.74 9.34
C SER A 120 6.38 -6.68 8.24
N PHE A 121 6.28 -7.09 6.98
CA PHE A 121 6.06 -6.12 5.90
C PHE A 121 4.65 -5.57 5.96
N SER A 122 3.65 -6.45 6.12
CA SER A 122 2.26 -6.00 6.13
C SER A 122 1.94 -5.11 7.33
N SER A 123 2.79 -5.13 8.36
CA SER A 123 2.58 -4.27 9.52
C SER A 123 3.04 -2.83 9.30
N LEU A 124 3.87 -2.57 8.29
CA LEU A 124 4.23 -1.19 7.99
C LEU A 124 3.01 -0.42 7.48
N PHE A 125 3.05 0.90 7.62
CA PHE A 125 2.01 1.68 6.99
C PHE A 125 2.11 1.52 5.48
N LEU A 126 0.97 1.70 4.80
CA LEU A 126 0.91 1.36 3.38
C LEU A 126 1.88 2.20 2.55
N ASN A 127 2.14 3.44 2.98
CA ASN A 127 3.05 4.29 2.22
C ASN A 127 4.47 3.73 2.26
N ASP A 128 4.92 3.24 3.41
CA ASP A 128 6.22 2.58 3.45
C ASP A 128 6.24 1.30 2.63
N GLN A 129 5.13 0.56 2.60
CA GLN A 129 5.08 -0.62 1.74
C GLN A 129 5.31 -0.24 0.29
N VAL A 130 4.67 0.85 -0.16
CA VAL A 130 4.82 1.29 -1.55
C VAL A 130 6.24 1.78 -1.81
N THR A 131 6.83 2.49 -0.85
CA THR A 131 8.21 2.94 -1.03
C THR A 131 9.17 1.77 -1.20
N LEU A 132 9.04 0.74 -0.36
CA LEU A 132 9.91 -0.43 -0.47
C LEU A 132 9.72 -1.13 -1.81
N LEU A 133 8.47 -1.29 -2.24
CA LEU A 133 8.24 -1.96 -3.53
C LEU A 133 8.72 -1.08 -4.68
N LYS A 134 8.40 0.21 -4.64
CA LYS A 134 8.85 1.10 -5.71
C LYS A 134 10.34 0.95 -5.97
N TYR A 135 11.16 1.00 -4.92
CA TYR A 135 12.61 1.03 -5.08
C TYR A 135 13.25 -0.35 -5.05
N GLY A 136 12.49 -1.39 -4.72
CA GLY A 136 13.04 -2.73 -4.64
C GLY A 136 12.66 -3.69 -5.77
N VAL A 137 11.55 -3.44 -6.47
CA VAL A 137 11.03 -4.48 -7.35
C VAL A 137 12.02 -4.81 -8.46
N HIS A 138 12.69 -3.80 -9.03
CA HIS A 138 13.55 -4.13 -10.16
C HIS A 138 14.78 -4.92 -9.72
N GLU A 139 15.33 -4.60 -8.53
CA GLU A 139 16.40 -5.44 -7.99
C GLU A 139 15.93 -6.87 -7.84
N ALA A 140 14.73 -7.04 -7.29
CA ALA A 140 14.21 -8.38 -7.09
C ALA A 140 13.93 -9.05 -8.42
N ILE A 141 13.36 -8.31 -9.37
CA ILE A 141 13.08 -8.88 -10.70
C ILE A 141 14.35 -9.43 -11.34
N PHE A 142 15.42 -8.64 -11.32
CA PHE A 142 16.65 -9.09 -11.98
C PHE A 142 17.29 -10.26 -11.26
N ALA A 143 17.20 -10.32 -9.92
CA ALA A 143 17.66 -11.52 -9.21
C ALA A 143 16.84 -12.75 -9.60
N MET A 144 15.50 -12.62 -9.64
CA MET A 144 14.66 -13.77 -9.94
C MET A 144 14.77 -14.15 -11.41
N LEU A 145 15.13 -13.20 -12.26
CA LEU A 145 15.27 -13.51 -13.68
C LEU A 145 16.29 -14.62 -13.88
N ALA A 146 17.35 -14.64 -13.06
CA ALA A 146 18.38 -15.66 -13.19
C ALA A 146 17.78 -17.07 -13.15
N SER A 147 16.69 -17.25 -12.40
CA SER A 147 16.08 -18.57 -12.26
C SER A 147 15.59 -19.12 -13.59
N ILE A 148 15.18 -18.25 -14.51
CA ILE A 148 14.58 -18.72 -15.77
C ILE A 148 15.52 -18.54 -16.96
N VAL A 149 16.81 -18.34 -16.68
CA VAL A 149 17.82 -17.98 -17.67
C VAL A 149 18.92 -19.03 -17.68
N ASN A 150 19.41 -19.37 -18.87
CA ASN A 150 20.73 -19.95 -18.99
C ASN A 150 21.53 -19.15 -20.01
N LYS A 151 22.76 -19.59 -20.31
CA LYS A 151 23.61 -18.80 -21.19
C LYS A 151 23.02 -18.65 -22.58
N ASP A 152 22.01 -19.44 -22.93
CA ASP A 152 21.48 -19.46 -24.30
C ASP A 152 20.16 -18.70 -24.45
N GLY A 153 19.47 -18.36 -23.38
CA GLY A 153 18.20 -17.68 -23.52
C GLY A 153 17.40 -17.74 -22.22
N LEU A 154 16.10 -17.45 -22.35
CA LEU A 154 15.27 -17.34 -21.16
C LEU A 154 13.86 -17.86 -21.43
N LEU A 155 13.24 -18.38 -20.38
CA LEU A 155 11.89 -18.89 -20.46
C LEU A 155 10.88 -17.75 -20.50
N VAL A 156 9.85 -17.92 -21.31
CA VAL A 156 8.75 -16.98 -21.36
C VAL A 156 7.43 -17.73 -21.30
N ALA A 157 6.37 -16.98 -21.02
CA ALA A 157 5.01 -17.52 -20.99
C ALA A 157 4.91 -18.76 -20.09
N ASN A 158 5.26 -18.55 -18.82
CA ASN A 158 5.20 -19.62 -17.83
C ASN A 158 5.90 -20.89 -18.32
N GLY A 159 7.05 -20.71 -18.98
CA GLY A 159 7.89 -21.81 -19.39
C GLY A 159 7.49 -22.49 -20.68
N SER A 160 6.45 -22.02 -21.35
CA SER A 160 6.03 -22.67 -22.58
C SER A 160 6.75 -22.12 -23.81
N GLY A 161 7.51 -21.04 -23.66
CA GLY A 161 8.41 -20.58 -24.70
C GLY A 161 9.82 -20.36 -24.20
N PHE A 162 10.78 -20.29 -25.12
CA PHE A 162 12.17 -20.02 -24.78
C PHE A 162 12.70 -19.06 -25.84
N VAL A 163 13.09 -17.86 -25.42
CA VAL A 163 13.60 -16.86 -26.37
C VAL A 163 15.12 -16.85 -26.30
N THR A 164 15.78 -16.95 -27.46
CA THR A 164 17.23 -17.10 -27.45
C THR A 164 17.93 -15.77 -27.20
N ARG A 165 19.03 -15.85 -26.46
CA ARG A 165 19.86 -14.69 -26.22
C ARG A 165 20.36 -14.10 -27.53
N GLU A 166 20.70 -14.96 -28.48
CA GLU A 166 21.14 -14.46 -29.79
C GLU A 166 20.07 -13.63 -30.48
N PHE A 167 18.81 -14.07 -30.41
CA PHE A 167 17.74 -13.28 -31.01
C PHE A 167 17.60 -11.92 -30.32
N LEU A 168 17.68 -11.91 -28.98
CA LEU A 168 17.58 -10.62 -28.30
C LEU A 168 18.73 -9.71 -28.67
N ARG A 169 19.92 -10.26 -28.91
CA ARG A 169 21.05 -9.46 -29.35
C ARG A 169 20.83 -8.87 -30.73
N SER A 170 19.94 -9.45 -31.52
CA SER A 170 19.73 -9.04 -32.91
C SER A 170 18.76 -7.87 -33.04
N LEU A 171 18.07 -7.50 -31.97
CA LEU A 171 17.17 -6.37 -32.01
C LEU A 171 17.95 -5.09 -32.23
N ARG A 172 17.27 -4.05 -32.66
CA ARG A 172 18.02 -2.82 -32.85
C ARG A 172 18.28 -2.15 -31.52
N LYS A 173 19.36 -1.38 -31.46
CA LYS A 173 19.54 -0.47 -30.36
C LYS A 173 18.36 0.51 -30.35
N PRO A 174 17.90 0.92 -29.16
CA PRO A 174 18.46 0.66 -27.83
C PRO A 174 17.96 -0.63 -27.13
N PHE A 175 17.21 -1.47 -27.83
CA PHE A 175 16.49 -2.56 -27.15
C PHE A 175 17.36 -3.78 -26.91
N SER A 176 18.33 -4.07 -27.78
CA SER A 176 19.28 -5.15 -27.48
C SER A 176 20.19 -4.81 -26.31
N ASP A 177 20.67 -3.56 -26.23
CA ASP A 177 21.66 -3.21 -25.23
C ASP A 177 21.12 -3.33 -23.80
N ILE A 178 19.83 -3.12 -23.60
CA ILE A 178 19.31 -3.11 -22.23
C ILE A 178 19.13 -4.53 -21.71
N ILE A 179 18.98 -5.52 -22.59
CA ILE A 179 18.75 -6.90 -22.17
C ILE A 179 20.05 -7.63 -21.85
N GLU A 180 21.12 -7.44 -22.62
CA GLU A 180 22.30 -8.27 -22.45
C GLU A 180 22.95 -8.20 -21.07
N PRO A 181 23.06 -7.05 -20.40
CA PRO A 181 23.66 -7.04 -19.05
C PRO A 181 22.93 -7.95 -18.07
N LYS A 182 21.65 -8.24 -18.30
CA LYS A 182 20.93 -9.10 -17.37
C LYS A 182 21.32 -10.57 -17.55
N PHE A 183 21.60 -10.99 -18.79
CA PHE A 183 22.19 -12.32 -18.97
C PHE A 183 23.55 -12.41 -18.29
N GLU A 184 24.38 -11.39 -18.45
CA GLU A 184 25.71 -11.44 -17.87
C GLU A 184 25.62 -11.59 -16.35
N PHE A 185 24.73 -10.82 -15.72
CA PHE A 185 24.53 -10.96 -14.29
C PHE A 185 24.01 -12.35 -13.94
N ALA A 186 23.04 -12.85 -14.70
CA ALA A 186 22.36 -14.09 -14.33
C ALA A 186 23.30 -15.29 -14.40
N VAL A 187 24.16 -15.35 -15.40
CA VAL A 187 25.01 -16.54 -15.51
C VAL A 187 25.97 -16.60 -14.32
N LYS A 188 26.53 -15.46 -13.90
CA LYS A 188 27.38 -15.43 -12.72
C LYS A 188 26.58 -15.70 -11.44
N PHE A 189 25.34 -15.20 -11.38
CA PHE A 189 24.52 -15.42 -10.19
C PHE A 189 24.15 -16.90 -10.06
N ASN A 190 23.80 -17.54 -11.18
CA ASN A 190 23.43 -18.95 -11.16
C ASN A 190 24.62 -19.86 -10.80
N ALA A 191 25.85 -19.40 -10.98
CA ALA A 191 26.98 -20.20 -10.55
C ALA A 191 27.04 -20.38 -9.03
N LEU A 192 26.31 -19.55 -8.27
CA LEU A 192 26.22 -19.71 -6.82
C LEU A 192 25.30 -20.86 -6.41
N GLU A 193 24.44 -21.31 -7.33
CA GLU A 193 23.62 -22.50 -7.15
C GLU A 193 22.64 -22.35 -5.98
N LEU A 194 22.07 -21.17 -5.81
CA LEU A 194 21.01 -21.00 -4.84
C LEU A 194 19.79 -21.82 -5.22
N ASP A 195 19.02 -22.26 -4.22
CA ASP A 195 17.73 -22.87 -4.48
C ASP A 195 16.60 -21.94 -4.03
N ASP A 196 15.36 -22.40 -4.19
CA ASP A 196 14.21 -21.52 -3.95
C ASP A 196 14.15 -21.08 -2.48
N SER A 197 14.55 -21.94 -1.56
CA SER A 197 14.50 -21.54 -0.15
C SER A 197 15.53 -20.46 0.16
N ASP A 198 16.71 -20.51 -0.48
CA ASP A 198 17.67 -19.42 -0.35
C ASP A 198 17.13 -18.13 -0.96
N LEU A 199 16.56 -18.24 -2.17
CA LEU A 199 16.09 -17.07 -2.90
C LEU A 199 14.95 -16.39 -2.16
N ALA A 200 14.08 -17.14 -1.49
CA ALA A 200 13.00 -16.48 -0.77
C ALA A 200 13.54 -15.49 0.25
N LEU A 201 14.62 -15.87 0.97
CA LEU A 201 15.21 -14.96 1.93
C LEU A 201 15.99 -13.85 1.24
N PHE A 202 16.69 -14.18 0.14
CA PHE A 202 17.44 -13.18 -0.60
C PHE A 202 16.50 -12.09 -1.13
N ILE A 203 15.37 -12.49 -1.72
CA ILE A 203 14.43 -11.48 -2.26
C ILE A 203 13.80 -10.68 -1.13
N ALA A 204 13.43 -11.34 -0.03
CA ALA A 204 12.90 -10.61 1.11
C ALA A 204 13.89 -9.55 1.59
N ALA A 205 15.19 -9.88 1.62
CA ALA A 205 16.20 -8.90 2.05
C ALA A 205 16.28 -7.73 1.08
N ILE A 206 16.08 -7.99 -0.21
CA ILE A 206 16.12 -6.90 -1.18
C ILE A 206 14.99 -5.91 -0.94
N ILE A 207 13.79 -6.43 -0.66
CA ILE A 207 12.60 -5.58 -0.50
C ILE A 207 12.65 -4.83 0.82
N LEU A 208 13.02 -5.52 1.89
CA LEU A 208 13.10 -4.90 3.22
C LEU A 208 14.44 -4.18 3.38
N CYS A 209 14.55 -3.03 2.73
CA CYS A 209 15.79 -2.27 2.62
C CYS A 209 15.61 -0.90 3.26
N GLY A 210 16.33 -0.63 4.34
CA GLY A 210 16.11 0.60 5.09
C GLY A 210 16.63 1.85 4.41
N ASP A 211 17.36 1.70 3.32
CA ASP A 211 18.06 2.78 2.64
C ASP A 211 17.24 3.45 1.52
N ARG A 212 15.94 3.10 1.36
CA ARG A 212 15.23 3.62 0.18
C ARG A 212 14.78 5.07 0.39
N PRO A 213 14.80 5.88 -0.67
CA PRO A 213 14.41 7.30 -0.54
C PRO A 213 12.99 7.47 -0.01
N GLY A 214 12.83 8.37 0.96
CA GLY A 214 11.51 8.73 1.42
C GLY A 214 10.88 7.76 2.39
N LEU A 215 11.62 6.74 2.82
CA LEU A 215 11.07 5.80 3.77
C LEU A 215 10.75 6.50 5.08
N MET A 216 9.62 6.13 5.68
CA MET A 216 9.16 6.78 6.90
C MET A 216 9.76 6.13 8.14
N ASN A 217 9.49 4.84 8.36
CA ASN A 217 9.96 4.15 9.57
C ASN A 217 11.26 3.39 9.23
N VAL A 218 12.34 4.14 9.08
CA VAL A 218 13.62 3.53 8.74
C VAL A 218 14.10 2.54 9.79
N PRO A 219 14.09 2.87 11.10
CA PRO A 219 14.59 1.91 12.08
C PRO A 219 13.83 0.61 12.09
N ARG A 220 12.52 0.66 11.86
CA ARG A 220 11.73 -0.57 11.82
C ARG A 220 12.11 -1.43 10.61
N VAL A 221 12.23 -0.82 9.42
CA VAL A 221 12.65 -1.59 8.24
C VAL A 221 14.07 -2.13 8.45
N GLU A 222 14.96 -1.30 9.02
CA GLU A 222 16.32 -1.77 9.31
C GLU A 222 16.29 -2.98 10.24
N ALA A 223 15.44 -2.95 11.26
CA ALA A 223 15.36 -4.09 12.18
C ALA A 223 14.89 -5.34 11.47
N ILE A 224 13.88 -5.22 10.58
CA ILE A 224 13.39 -6.38 9.85
C ILE A 224 14.47 -6.92 8.92
N GLN A 225 15.14 -6.03 8.20
CA GLN A 225 16.20 -6.49 7.29
C GLN A 225 17.28 -7.23 8.04
N ASP A 226 17.71 -6.71 9.19
CA ASP A 226 18.76 -7.41 9.92
C ASP A 226 18.29 -8.79 10.36
N THR A 227 17.01 -8.93 10.74
CA THR A 227 16.48 -10.24 11.05
C THR A 227 16.51 -11.15 9.83
N ILE A 228 16.12 -10.63 8.67
CA ILE A 228 16.17 -11.46 7.47
C ILE A 228 17.60 -11.87 7.16
N LEU A 229 18.55 -10.94 7.28
CA LEU A 229 19.94 -11.28 6.97
C LEU A 229 20.50 -12.32 7.93
N ARG A 230 20.16 -12.22 9.22
CA ARG A 230 20.60 -13.25 10.16
C ARG A 230 19.99 -14.61 9.83
N ALA A 231 18.68 -14.64 9.52
CA ALA A 231 18.05 -15.88 9.11
C ALA A 231 18.72 -16.47 7.86
N LEU A 232 19.06 -15.62 6.90
CA LEU A 232 19.74 -16.10 5.69
C LEU A 232 21.11 -16.69 6.04
N GLU A 233 21.88 -16.00 6.86
CA GLU A 233 23.18 -16.49 7.31
C GLU A 233 23.06 -17.92 7.82
N PHE A 234 22.11 -18.15 8.72
CA PHE A 234 21.95 -19.47 9.31
C PHE A 234 21.40 -20.46 8.29
N HIS A 235 20.49 -20.01 7.43
CA HIS A 235 19.96 -20.88 6.39
C HIS A 235 21.07 -21.40 5.47
N LEU A 236 21.99 -20.52 5.08
CA LEU A 236 23.07 -20.94 4.20
C LEU A 236 24.01 -21.93 4.88
N GLN A 237 24.25 -21.77 6.18
CA GLN A 237 25.09 -22.74 6.88
C GLN A 237 24.42 -24.12 6.88
N ALA A 238 23.08 -24.14 7.02
CA ALA A 238 22.36 -25.41 7.04
C ALA A 238 22.23 -26.01 5.65
N ASN A 239 21.95 -25.17 4.65
CA ASN A 239 21.62 -25.63 3.30
C ASN A 239 22.84 -25.80 2.40
N HIS A 240 23.89 -25.02 2.63
CA HIS A 240 25.11 -25.03 1.82
C HIS A 240 26.33 -25.15 2.71
N PRO A 241 26.43 -26.22 3.52
CA PRO A 241 27.50 -26.29 4.52
C PRO A 241 28.90 -26.18 3.94
N ASP A 242 29.10 -26.61 2.70
CA ASP A 242 30.41 -26.63 2.09
C ASP A 242 30.73 -25.38 1.27
N ALA A 243 29.76 -24.49 1.07
CA ALA A 243 29.96 -23.31 0.22
C ALA A 243 30.64 -22.21 1.03
N GLN A 244 31.91 -21.96 0.74
CA GLN A 244 32.71 -21.03 1.51
C GLN A 244 32.45 -19.60 1.07
N TYR A 245 32.18 -18.71 2.04
CA TYR A 245 32.01 -17.29 1.78
C TYR A 245 30.72 -16.96 1.05
N LEU A 246 29.75 -17.86 1.04
CA LEU A 246 28.54 -17.65 0.25
C LEU A 246 27.74 -16.44 0.75
N PHE A 247 27.67 -16.25 2.06
CA PHE A 247 26.88 -15.12 2.55
C PHE A 247 27.45 -13.78 2.13
N PRO A 248 28.73 -13.49 2.34
CA PRO A 248 29.27 -12.22 1.85
C PRO A 248 29.18 -12.10 0.32
N LYS A 249 29.28 -13.22 -0.40
CA LYS A 249 29.10 -13.15 -1.85
C LYS A 249 27.69 -12.67 -2.19
N LEU A 250 26.69 -13.09 -1.41
CA LEU A 250 25.33 -12.64 -1.69
C LEU A 250 25.13 -11.17 -1.31
N LEU A 251 25.77 -10.72 -0.20
CA LEU A 251 25.75 -9.29 0.09
C LEU A 251 26.33 -8.50 -1.07
N GLN A 252 27.40 -9.00 -1.67
CA GLN A 252 27.96 -8.29 -2.81
C GLN A 252 27.00 -8.34 -4.00
N LYS A 253 26.32 -9.46 -4.21
CA LYS A 253 25.33 -9.53 -5.30
C LYS A 253 24.21 -8.51 -5.10
N MET A 254 23.81 -8.28 -3.85
CA MET A 254 22.82 -7.24 -3.57
C MET A 254 23.33 -5.88 -4.00
N ALA A 255 24.61 -5.60 -3.73
CA ALA A 255 25.20 -4.35 -4.19
C ALA A 255 25.23 -4.30 -5.71
N ASP A 256 25.61 -5.42 -6.35
CA ASP A 256 25.67 -5.45 -7.80
C ASP A 256 24.30 -5.21 -8.42
N LEU A 257 23.24 -5.72 -7.80
CA LEU A 257 21.89 -5.51 -8.33
C LEU A 257 21.49 -4.04 -8.24
N ARG A 258 21.89 -3.34 -7.17
CA ARG A 258 21.62 -1.91 -7.13
C ARG A 258 22.25 -1.19 -8.32
N GLN A 259 23.49 -1.56 -8.65
CA GLN A 259 24.17 -0.91 -9.77
C GLN A 259 23.51 -1.30 -11.09
N LEU A 260 23.15 -2.57 -11.23
CA LEU A 260 22.46 -3.04 -12.44
C LEU A 260 21.17 -2.25 -12.66
N VAL A 261 20.45 -1.95 -11.59
CA VAL A 261 19.20 -1.20 -11.73
C VAL A 261 19.47 0.26 -12.05
N THR A 262 20.51 0.84 -11.44
CA THR A 262 20.91 2.19 -11.83
C THR A 262 21.14 2.29 -13.33
N GLU A 263 21.97 1.39 -13.84
CA GLU A 263 22.24 1.37 -15.28
C GLU A 263 20.97 1.11 -16.08
N HIS A 264 20.12 0.19 -15.61
CA HIS A 264 18.86 -0.08 -16.32
C HIS A 264 18.01 1.17 -16.41
N ALA A 265 17.88 1.90 -15.30
CA ALA A 265 17.05 3.10 -15.27
C ALA A 265 17.60 4.17 -16.22
N GLN A 266 18.93 4.28 -16.31
CA GLN A 266 19.54 5.22 -17.26
C GLN A 266 19.18 4.85 -18.70
N MET A 267 19.24 3.55 -19.01
CA MET A 267 18.88 3.11 -20.36
C MET A 267 17.39 3.34 -20.64
N MET A 268 16.53 3.14 -19.63
CA MET A 268 15.11 3.42 -19.81
C MET A 268 14.88 4.91 -20.01
N GLN A 269 15.66 5.74 -19.33
CA GLN A 269 15.58 7.19 -19.56
C GLN A 269 15.90 7.52 -21.01
N ARG A 270 16.95 6.92 -21.55
CA ARG A 270 17.33 7.19 -22.94
C ARG A 270 16.27 6.69 -23.91
N ILE A 271 15.58 5.59 -23.57
CA ILE A 271 14.52 5.13 -24.46
C ILE A 271 13.35 6.11 -24.42
N LYS A 272 13.01 6.63 -23.23
CA LYS A 272 11.95 7.62 -23.13
C LYS A 272 12.29 8.87 -23.94
N LYS A 273 13.57 9.24 -23.95
CA LYS A 273 14.00 10.44 -24.67
C LYS A 273 14.04 10.23 -26.18
N THR A 274 14.57 9.10 -26.63
CA THR A 274 14.89 8.89 -28.04
C THR A 274 13.84 8.09 -28.80
N GLU A 275 13.02 7.29 -28.12
CA GLU A 275 12.00 6.49 -28.80
C GLU A 275 10.62 7.04 -28.44
N THR A 276 10.33 8.22 -28.99
CA THR A 276 9.13 8.96 -28.59
C THR A 276 7.83 8.27 -29.00
N GLU A 277 7.89 7.36 -29.97
CA GLU A 277 6.70 6.65 -30.40
C GLU A 277 6.39 5.42 -29.55
N THR A 278 7.25 5.05 -28.61
CA THR A 278 7.02 3.86 -27.80
C THR A 278 6.41 4.24 -26.47
N SER A 279 5.41 3.48 -26.04
CA SER A 279 4.71 3.82 -24.81
C SER A 279 5.37 3.12 -23.63
N LEU A 280 5.07 3.63 -22.45
CA LEU A 280 5.55 3.06 -21.20
C LEU A 280 4.34 2.79 -20.30
N HIS A 281 4.23 1.58 -19.79
CA HIS A 281 3.09 1.21 -18.98
C HIS A 281 2.94 2.16 -17.80
N PRO A 282 1.71 2.58 -17.45
CA PRO A 282 1.56 3.59 -16.38
C PRO A 282 2.20 3.21 -15.06
N LEU A 283 2.14 1.93 -14.67
CA LEU A 283 2.75 1.53 -13.40
C LEU A 283 4.25 1.73 -13.44
N LEU A 284 4.86 1.42 -14.58
CA LEU A 284 6.30 1.61 -14.72
C LEU A 284 6.64 3.10 -14.75
N GLN A 285 5.76 3.93 -15.32
CA GLN A 285 5.97 5.38 -15.25
C GLN A 285 6.06 5.83 -13.79
N GLU A 286 5.15 5.34 -12.95
CA GLU A 286 5.18 5.71 -11.52
C GLU A 286 6.42 5.18 -10.83
N ILE A 287 6.90 4.01 -11.21
CA ILE A 287 8.11 3.49 -10.58
C ILE A 287 9.30 4.37 -10.95
N TYR A 288 9.40 4.80 -12.20
CA TYR A 288 10.53 5.59 -12.70
C TYR A 288 10.34 7.09 -12.48
N LYS A 289 9.30 7.51 -11.76
CA LYS A 289 8.92 8.93 -11.77
C LYS A 289 10.10 9.82 -11.42
N ASP A 290 10.96 9.37 -10.50
CA ASP A 290 12.25 9.98 -10.16
C ASP A 290 12.24 10.43 -8.70
N ALA B 24 -23.28 -6.67 -10.07
CA ALA B 24 -23.12 -7.11 -8.69
C ALA B 24 -24.47 -7.18 -7.96
N ASP B 25 -24.62 -8.18 -7.09
CA ASP B 25 -25.76 -8.25 -6.19
C ASP B 25 -25.58 -7.19 -5.11
N LEU B 26 -26.36 -6.11 -5.18
CA LEU B 26 -26.08 -4.95 -4.36
C LEU B 26 -26.30 -5.26 -2.87
N LYS B 27 -27.30 -6.08 -2.55
CA LYS B 27 -27.57 -6.39 -1.15
C LYS B 27 -26.41 -7.16 -0.53
N ALA B 28 -25.93 -8.20 -1.20
CA ALA B 28 -24.79 -8.96 -0.71
C ALA B 28 -23.53 -8.08 -0.66
N PHE B 29 -23.36 -7.22 -1.66
CA PHE B 29 -22.25 -6.26 -1.67
C PHE B 29 -22.27 -5.39 -0.42
N SER B 30 -23.44 -4.82 -0.10
CA SER B 30 -23.53 -3.92 1.05
C SER B 30 -23.27 -4.65 2.35
N LYS B 31 -23.89 -5.82 2.52
CA LYS B 31 -23.66 -6.59 3.74
C LYS B 31 -22.18 -6.93 3.90
N HIS B 32 -21.47 -7.16 2.79
CA HIS B 32 -20.06 -7.46 2.89
C HIS B 32 -19.27 -6.26 3.42
N ILE B 33 -19.58 -5.06 2.92
CA ILE B 33 -18.91 -3.85 3.43
C ILE B 33 -19.34 -3.57 4.86
N TYR B 34 -20.61 -3.84 5.20
CA TYR B 34 -21.06 -3.69 6.58
C TYR B 34 -20.25 -4.57 7.53
N ASN B 35 -20.02 -5.82 7.15
CA ASN B 35 -19.28 -6.72 8.02
C ASN B 35 -17.82 -6.31 8.14
N ALA B 36 -17.21 -5.87 7.04
CA ALA B 36 -15.84 -5.36 7.11
C ALA B 36 -15.74 -4.15 8.02
N TYR B 37 -16.79 -3.33 8.05
CA TYR B 37 -16.82 -2.18 8.95
C TYR B 37 -16.89 -2.61 10.40
N LEU B 38 -17.77 -3.58 10.70
CA LEU B 38 -17.89 -4.07 12.07
C LEU B 38 -16.62 -4.81 12.52
N LYS B 39 -15.95 -5.46 11.59
CA LYS B 39 -14.74 -6.19 11.93
C LYS B 39 -13.55 -5.28 12.20
N ASN B 40 -13.53 -4.07 11.64
CA ASN B 40 -12.33 -3.24 11.68
C ASN B 40 -12.45 -1.98 12.53
N PHE B 41 -13.65 -1.57 12.91
CA PHE B 41 -13.84 -0.38 13.74
C PHE B 41 -14.44 -0.81 15.07
N ASN B 42 -13.62 -0.74 16.12
CA ASN B 42 -14.07 -1.18 17.43
C ASN B 42 -15.28 -0.37 17.90
N MET B 43 -15.16 0.96 17.88
CA MET B 43 -16.24 1.85 18.33
C MET B 43 -17.20 2.09 17.17
N THR B 44 -18.34 1.42 17.20
CA THR B 44 -19.41 1.68 16.24
C THR B 44 -20.32 2.79 16.76
N LYS B 45 -21.14 3.34 15.87
CA LYS B 45 -22.12 4.32 16.32
C LYS B 45 -23.09 3.68 17.32
N LYS B 46 -23.45 2.42 17.07
CA LYS B 46 -24.34 1.71 17.99
C LYS B 46 -23.76 1.69 19.40
N LYS B 47 -22.51 1.27 19.54
CA LYS B 47 -21.87 1.25 20.86
C LYS B 47 -21.76 2.65 21.42
N ALA B 48 -21.30 3.60 20.61
CA ALA B 48 -21.13 4.97 21.11
C ALA B 48 -22.44 5.52 21.65
N ARG B 49 -23.54 5.32 20.92
CA ARG B 49 -24.81 5.91 21.33
C ARG B 49 -25.34 5.29 22.61
N SER B 50 -25.07 4.00 22.84
CA SER B 50 -25.53 3.39 24.08
C SER B 50 -24.72 3.90 25.27
N ILE B 51 -23.44 4.24 25.05
CA ILE B 51 -22.64 4.87 26.10
C ILE B 51 -23.13 6.29 26.35
N LEU B 52 -23.29 7.08 25.29
CA LEU B 52 -23.69 8.47 25.45
C LEU B 52 -25.06 8.62 26.09
N THR B 53 -25.91 7.59 26.02
CA THR B 53 -27.22 7.64 26.66
C THR B 53 -27.28 6.84 27.97
N GLY B 54 -26.21 6.15 28.34
CA GLY B 54 -26.13 5.54 29.66
C GLY B 54 -26.71 4.15 29.80
N LYS B 55 -26.45 3.26 28.85
CA LYS B 55 -26.90 1.88 28.97
C LYS B 55 -25.84 1.03 29.66
N ALA B 56 -26.31 -0.02 30.35
CA ALA B 56 -25.43 -0.88 31.12
C ALA B 56 -24.77 -1.93 30.22
N THR B 59 -20.16 0.85 32.55
CA THR B 59 -19.38 1.92 33.17
C THR B 59 -19.48 3.22 32.36
N ALA B 60 -19.85 4.31 33.03
CA ALA B 60 -19.97 5.59 32.36
C ALA B 60 -18.58 6.17 32.08
N PRO B 61 -18.49 7.05 31.09
CA PRO B 61 -17.18 7.64 30.76
C PRO B 61 -16.74 8.66 31.80
N PHE B 62 -15.44 8.69 32.05
CA PHE B 62 -14.85 9.71 32.91
C PHE B 62 -14.80 11.04 32.16
N VAL B 63 -15.40 12.07 32.73
CA VAL B 63 -15.52 13.36 32.06
C VAL B 63 -14.20 14.13 32.22
N ILE B 64 -13.59 14.49 31.10
CA ILE B 64 -12.42 15.34 31.05
C ILE B 64 -12.90 16.74 30.69
N HIS B 65 -12.72 17.69 31.62
CA HIS B 65 -13.22 19.04 31.40
C HIS B 65 -12.27 20.13 31.88
N ASP B 66 -11.12 19.77 32.44
CA ASP B 66 -10.11 20.75 32.82
C ASP B 66 -8.79 20.01 33.05
N ILE B 67 -7.78 20.77 33.48
CA ILE B 67 -6.44 20.19 33.62
C ILE B 67 -6.46 19.05 34.62
N GLU B 68 -7.12 19.25 35.76
CA GLU B 68 -7.07 18.25 36.82
C GLU B 68 -7.69 16.94 36.37
N THR B 69 -8.82 17.00 35.67
CA THR B 69 -9.46 15.76 35.22
C THR B 69 -8.71 15.14 34.05
N LEU B 70 -8.12 15.95 33.17
CA LEU B 70 -7.25 15.40 32.16
C LEU B 70 -6.08 14.64 32.78
N TRP B 71 -5.43 15.26 33.77
CA TRP B 71 -4.34 14.57 34.45
C TRP B 71 -4.82 13.26 35.07
N GLN B 72 -5.96 13.30 35.77
CA GLN B 72 -6.50 12.07 36.36
C GLN B 72 -6.80 11.04 35.30
N ALA B 73 -7.48 11.46 34.22
CA ALA B 73 -7.74 10.53 33.12
C ALA B 73 -6.44 9.90 32.64
N GLU B 74 -5.38 10.71 32.53
CA GLU B 74 -4.12 10.22 32.01
C GLU B 74 -3.43 9.26 32.97
N LYS B 75 -3.76 9.30 34.25
CA LYS B 75 -3.08 8.43 35.20
C LYS B 75 -3.65 7.02 35.19
N GLY B 76 -4.94 6.87 34.92
CA GLY B 76 -5.55 5.56 34.97
C GLY B 76 -7.06 5.60 34.93
N LEU B 77 -7.67 6.71 35.33
CA LEU B 77 -9.11 6.86 35.20
C LEU B 77 -9.59 6.62 33.78
N VAL B 78 -8.69 6.72 32.79
CA VAL B 78 -9.06 6.52 31.39
C VAL B 78 -7.96 5.72 30.69
N TRP B 79 -6.80 6.34 30.49
CA TRP B 79 -5.70 5.68 29.79
C TRP B 79 -4.88 4.79 30.72
N GLY B 85 5.16 7.65 25.60
CA GLY B 85 4.57 7.46 24.28
C GLY B 85 4.45 8.76 23.51
N LEU B 86 3.85 9.75 24.14
CA LEU B 86 3.73 11.09 23.58
C LEU B 86 4.92 11.94 23.97
N PRO B 87 5.12 13.08 23.33
CA PRO B 87 6.22 13.97 23.70
C PRO B 87 6.08 14.43 25.14
N PRO B 88 7.15 14.97 25.73
CA PRO B 88 7.07 15.42 27.13
C PRO B 88 6.02 16.50 27.32
N TYR B 89 5.22 16.36 28.36
CA TYR B 89 4.18 17.34 28.62
C TYR B 89 4.78 18.72 28.78
N LYS B 90 4.34 19.66 27.94
CA LYS B 90 4.70 21.06 28.03
C LYS B 90 3.52 21.92 28.42
N GLU B 91 2.38 21.75 27.76
CA GLU B 91 1.21 22.52 28.13
C GLU B 91 -0.04 21.80 27.63
N ILE B 92 -1.18 22.24 28.16
CA ILE B 92 -2.43 21.53 27.97
C ILE B 92 -2.83 21.54 26.49
N SER B 93 -2.68 22.68 25.81
CA SER B 93 -3.17 22.78 24.44
C SER B 93 -2.38 21.88 23.48
N VAL B 94 -1.07 21.75 23.73
CA VAL B 94 -0.22 20.91 22.89
C VAL B 94 -0.39 19.45 23.22
N HIS B 95 -0.58 19.14 24.50
CA HIS B 95 -0.87 17.76 24.87
C HIS B 95 -2.13 17.26 24.18
N VAL B 96 -3.20 18.08 24.16
CA VAL B 96 -4.41 17.70 23.45
C VAL B 96 -4.14 17.54 21.96
N PHE B 97 -3.35 18.46 21.40
CA PHE B 97 -2.99 18.40 19.99
C PHE B 97 -2.30 17.08 19.65
N TYR B 98 -1.46 16.57 20.57
CA TYR B 98 -0.80 15.29 20.35
C TYR B 98 -1.76 14.13 20.53
N ARG B 99 -2.69 14.26 21.47
CA ARG B 99 -3.72 13.23 21.61
C ARG B 99 -4.56 13.12 20.34
N CYS B 100 -4.83 14.27 19.69
CA CYS B 100 -5.58 14.25 18.43
C CYS B 100 -4.82 13.48 17.35
N GLN B 101 -3.50 13.69 17.29
CA GLN B 101 -2.70 13.01 16.27
C GLN B 101 -2.66 11.51 16.51
N CYS B 102 -2.49 11.09 17.76
CA CYS B 102 -2.47 9.65 18.03
C CYS B 102 -3.81 9.01 17.66
N THR B 103 -4.90 9.71 17.94
CA THR B 103 -6.21 9.21 17.55
C THR B 103 -6.30 9.01 16.04
N THR B 104 -5.88 10.03 15.28
CA THR B 104 -6.06 9.91 13.84
C THR B 104 -5.13 8.87 13.24
N VAL B 105 -3.92 8.72 13.78
CA VAL B 105 -3.01 7.70 13.25
C VAL B 105 -3.59 6.30 13.45
N GLU B 106 -4.18 6.04 14.62
CA GLU B 106 -4.84 4.76 14.86
C GLU B 106 -5.96 4.52 13.87
N THR B 107 -6.78 5.55 13.62
CA THR B 107 -7.89 5.39 12.69
C THR B 107 -7.39 5.17 11.26
N VAL B 108 -6.22 5.74 10.91
CA VAL B 108 -5.68 5.42 9.59
C VAL B 108 -5.40 3.93 9.48
N ARG B 109 -4.92 3.32 10.57
CA ARG B 109 -4.69 1.87 10.55
C ARG B 109 -5.98 1.11 10.31
N GLU B 110 -7.04 1.48 11.03
CA GLU B 110 -8.32 0.79 10.86
C GLU B 110 -8.88 0.99 9.47
N LEU B 111 -8.79 2.22 8.94
CA LEU B 111 -9.32 2.51 7.61
C LEU B 111 -8.56 1.76 6.52
N THR B 112 -7.24 1.57 6.71
CA THR B 112 -6.46 0.78 5.76
C THR B 112 -6.96 -0.65 5.72
N GLU B 113 -7.18 -1.27 6.89
CA GLU B 113 -7.68 -2.65 6.92
C GLU B 113 -9.10 -2.73 6.38
N PHE B 114 -9.95 -1.75 6.72
CA PHE B 114 -11.30 -1.70 6.16
C PHE B 114 -11.25 -1.67 4.64
N ALA B 115 -10.49 -0.73 4.08
CA ALA B 115 -10.45 -0.57 2.63
C ALA B 115 -9.99 -1.86 1.95
N LYS B 116 -9.01 -2.55 2.53
CA LYS B 116 -8.53 -3.79 1.94
C LYS B 116 -9.61 -4.87 1.87
N SER B 117 -10.74 -4.69 2.57
CA SER B 117 -11.87 -5.60 2.48
C SER B 117 -12.95 -5.13 1.51
N ILE B 118 -12.82 -3.93 0.95
CA ILE B 118 -13.80 -3.49 -0.05
C ILE B 118 -13.55 -4.25 -1.35
N PRO B 119 -14.59 -4.82 -1.98
CA PRO B 119 -14.40 -5.54 -3.25
C PRO B 119 -13.62 -4.72 -4.26
N SER B 120 -12.49 -5.26 -4.67
CA SER B 120 -11.66 -4.78 -5.76
C SER B 120 -10.76 -3.64 -5.33
N PHE B 121 -10.83 -3.16 -4.09
CA PHE B 121 -9.84 -2.20 -3.62
C PHE B 121 -8.46 -2.85 -3.58
N SER B 122 -8.39 -4.07 -3.05
CA SER B 122 -7.11 -4.79 -3.00
C SER B 122 -6.62 -5.17 -4.39
N SER B 123 -7.49 -5.17 -5.41
CA SER B 123 -7.04 -5.46 -6.76
C SER B 123 -6.28 -4.31 -7.38
N LEU B 124 -6.41 -3.09 -6.83
CA LEU B 124 -5.63 -1.98 -7.33
C LEU B 124 -4.16 -2.19 -7.00
N PHE B 125 -3.28 -1.62 -7.82
CA PHE B 125 -1.88 -1.61 -7.44
C PHE B 125 -1.70 -0.81 -6.16
N LEU B 126 -0.63 -1.13 -5.42
CA LEU B 126 -0.49 -0.59 -4.07
C LEU B 126 -0.37 0.93 -4.10
N ASN B 127 0.19 1.49 -5.18
CA ASN B 127 0.34 2.94 -5.23
C ASN B 127 -1.01 3.64 -5.31
N ASP B 128 -1.96 3.07 -6.07
CA ASP B 128 -3.30 3.66 -6.09
C ASP B 128 -4.00 3.49 -4.75
N GLN B 129 -3.80 2.35 -4.07
CA GLN B 129 -4.36 2.21 -2.73
C GLN B 129 -3.87 3.32 -1.82
N VAL B 130 -2.58 3.66 -1.91
CA VAL B 130 -2.02 4.70 -1.06
C VAL B 130 -2.58 6.07 -1.45
N THR B 131 -2.74 6.31 -2.75
CA THR B 131 -3.29 7.60 -3.14
C THR B 131 -4.71 7.77 -2.60
N LEU B 132 -5.54 6.71 -2.68
CA LEU B 132 -6.91 6.81 -2.19
C LEU B 132 -6.94 7.04 -0.68
N LEU B 133 -6.11 6.33 0.05
CA LEU B 133 -6.09 6.51 1.51
C LEU B 133 -5.52 7.87 1.88
N LYS B 134 -4.44 8.27 1.23
CA LYS B 134 -3.84 9.58 1.51
C LYS B 134 -4.86 10.70 1.44
N TYR B 135 -5.65 10.74 0.37
CA TYR B 135 -6.56 11.86 0.17
C TYR B 135 -7.94 11.62 0.77
N GLY B 136 -8.22 10.41 1.23
CA GLY B 136 -9.54 10.09 1.76
C GLY B 136 -9.63 9.90 3.27
N VAL B 137 -8.52 9.58 3.94
CA VAL B 137 -8.66 9.14 5.34
C VAL B 137 -9.26 10.24 6.22
N HIS B 138 -8.84 11.50 6.02
CA HIS B 138 -9.39 12.54 6.90
C HIS B 138 -10.85 12.79 6.63
N GLU B 139 -11.29 12.71 5.35
CA GLU B 139 -12.72 12.83 5.08
C GLU B 139 -13.48 11.75 5.83
N ALA B 140 -12.97 10.52 5.81
CA ALA B 140 -13.64 9.43 6.51
C ALA B 140 -13.60 9.64 8.01
N ILE B 141 -12.45 10.10 8.53
CA ILE B 141 -12.30 10.32 9.97
C ILE B 141 -13.34 11.32 10.47
N PHE B 142 -13.51 12.43 9.75
CA PHE B 142 -14.45 13.45 10.21
C PHE B 142 -15.89 13.01 10.07
N ALA B 143 -16.21 12.18 9.05
CA ALA B 143 -17.53 11.56 8.99
C ALA B 143 -17.76 10.60 10.16
N MET B 144 -16.80 9.73 10.45
CA MET B 144 -16.98 8.78 11.56
C MET B 144 -16.90 9.49 12.90
N LEU B 145 -16.25 10.65 12.96
CA LEU B 145 -16.17 11.37 14.21
C LEU B 145 -17.56 11.67 14.75
N ALA B 146 -18.52 11.94 13.86
CA ALA B 146 -19.88 12.26 14.30
C ALA B 146 -20.49 11.13 15.14
N SER B 147 -20.07 9.89 14.91
CA SER B 147 -20.62 8.77 15.67
C SER B 147 -20.32 8.89 17.16
N ILE B 148 -19.17 9.42 17.52
CA ILE B 148 -18.73 9.45 18.92
C ILE B 148 -18.89 10.84 19.54
N VAL B 149 -19.68 11.69 18.92
CA VAL B 149 -19.82 13.10 19.29
C VAL B 149 -21.29 13.37 19.63
N ASN B 150 -21.51 14.20 20.65
CA ASN B 150 -22.78 14.91 20.76
C ASN B 150 -22.47 16.38 20.87
N LYS B 151 -23.50 17.20 21.08
CA LYS B 151 -23.27 18.64 21.11
C LYS B 151 -22.40 19.08 22.29
N ASP B 152 -22.16 18.21 23.27
CA ASP B 152 -21.43 18.59 24.47
C ASP B 152 -20.01 18.04 24.58
N GLY B 153 -19.59 17.19 23.65
CA GLY B 153 -18.26 16.62 23.73
C GLY B 153 -18.16 15.36 22.90
N LEU B 154 -17.05 14.64 23.12
CA LEU B 154 -16.77 13.44 22.36
C LEU B 154 -16.16 12.35 23.24
N LEU B 155 -16.46 11.11 22.88
CA LEU B 155 -15.87 9.95 23.53
C LEU B 155 -14.42 9.78 23.14
N VAL B 156 -13.58 9.46 24.13
CA VAL B 156 -12.18 9.15 23.88
C VAL B 156 -11.85 7.83 24.56
N ALA B 157 -10.75 7.22 24.12
CA ALA B 157 -10.20 6.02 24.75
C ALA B 157 -11.25 4.89 24.75
N ASN B 158 -11.69 4.54 23.54
CA ASN B 158 -12.61 3.43 23.35
C ASN B 158 -13.84 3.56 24.26
N GLY B 159 -14.31 4.79 24.44
CA GLY B 159 -15.53 5.05 25.16
C GLY B 159 -15.38 5.24 26.66
N SER B 160 -14.17 5.06 27.21
CA SER B 160 -14.00 5.18 28.66
C SER B 160 -13.81 6.62 29.12
N GLY B 161 -13.59 7.56 28.21
CA GLY B 161 -13.54 8.96 28.57
C GLY B 161 -14.50 9.79 27.75
N PHE B 162 -14.84 10.97 28.26
CA PHE B 162 -15.66 11.93 27.52
C PHE B 162 -15.04 13.31 27.74
N VAL B 163 -14.62 13.95 26.65
CA VAL B 163 -13.98 15.25 26.72
C VAL B 163 -14.98 16.29 26.25
N THR B 164 -15.17 17.33 27.06
CA THR B 164 -16.24 18.28 26.80
C THR B 164 -15.85 19.29 25.74
N ARG B 165 -16.84 19.65 24.92
CA ARG B 165 -16.64 20.64 23.88
C ARG B 165 -16.20 21.99 24.45
N GLU B 166 -16.68 22.34 25.64
CA GLU B 166 -16.29 23.62 26.23
C GLU B 166 -14.82 23.61 26.64
N PHE B 167 -14.34 22.50 27.21
CA PHE B 167 -12.91 22.38 27.52
C PHE B 167 -12.07 22.56 26.26
N LEU B 168 -12.49 21.94 25.15
CA LEU B 168 -11.70 22.07 23.94
C LEU B 168 -11.69 23.50 23.43
N ARG B 169 -12.81 24.21 23.57
CA ARG B 169 -12.85 25.63 23.21
C ARG B 169 -11.92 26.47 24.08
N SER B 170 -11.57 25.98 25.27
CA SER B 170 -10.76 26.74 26.21
C SER B 170 -9.28 26.70 25.89
N LEU B 171 -8.87 25.84 24.95
CA LEU B 171 -7.46 25.77 24.60
C LEU B 171 -7.04 27.06 23.91
N ARG B 172 -5.75 27.35 23.95
CA ARG B 172 -5.32 28.58 23.31
C ARG B 172 -5.35 28.39 21.79
N LYS B 173 -5.51 29.50 21.08
CA LYS B 173 -5.31 29.46 19.65
C LYS B 173 -3.86 29.07 19.37
N PRO B 174 -3.59 28.34 18.28
CA PRO B 174 -4.51 27.93 17.21
C PRO B 174 -5.30 26.64 17.47
N PHE B 175 -5.11 26.02 18.63
CA PHE B 175 -5.61 24.66 18.81
C PHE B 175 -7.10 24.60 19.07
N SER B 176 -7.68 25.63 19.71
CA SER B 176 -9.13 25.67 19.88
C SER B 176 -9.85 25.80 18.55
N ASP B 177 -9.34 26.64 17.66
CA ASP B 177 -10.02 26.91 16.40
C ASP B 177 -10.09 25.69 15.49
N ILE B 178 -9.17 24.74 15.62
CA ILE B 178 -9.15 23.63 14.68
C ILE B 178 -10.18 22.56 15.01
N ILE B 179 -10.62 22.46 16.27
CA ILE B 179 -11.52 21.39 16.67
C ILE B 179 -12.99 21.78 16.47
N GLU B 180 -13.34 23.04 16.75
CA GLU B 180 -14.74 23.42 16.76
C GLU B 180 -15.46 23.16 15.44
N PRO B 181 -14.88 23.42 14.26
CA PRO B 181 -15.61 23.13 13.01
C PRO B 181 -16.04 21.68 12.87
N LYS B 182 -15.29 20.75 13.48
CA LYS B 182 -15.67 19.35 13.40
C LYS B 182 -16.93 19.08 14.21
N PHE B 183 -17.07 19.70 15.39
CA PHE B 183 -18.33 19.60 16.11
C PHE B 183 -19.47 20.16 15.27
N GLU B 184 -19.25 21.31 14.64
CA GLU B 184 -20.31 21.93 13.84
C GLU B 184 -20.79 20.98 12.75
N PHE B 185 -19.86 20.36 12.02
CA PHE B 185 -20.22 19.40 10.99
C PHE B 185 -20.93 18.19 11.59
N ALA B 186 -20.38 17.65 12.69
CA ALA B 186 -20.90 16.42 13.28
C ALA B 186 -22.34 16.57 13.72
N VAL B 187 -22.69 17.69 14.33
CA VAL B 187 -24.06 17.82 14.85
C VAL B 187 -25.05 17.86 13.69
N LYS B 188 -24.71 18.58 12.63
CA LYS B 188 -25.55 18.60 11.44
C LYS B 188 -25.61 17.22 10.78
N PHE B 189 -24.48 16.53 10.72
CA PHE B 189 -24.45 15.20 10.10
C PHE B 189 -25.27 14.19 10.90
N ASN B 190 -25.22 14.27 12.23
CA ASN B 190 -25.97 13.35 13.07
C ASN B 190 -27.48 13.54 12.93
N ALA B 191 -27.93 14.72 12.55
CA ALA B 191 -29.35 14.94 12.28
C ALA B 191 -29.87 14.02 11.17
N LEU B 192 -29.01 13.57 10.26
CA LEU B 192 -29.43 12.63 9.22
C LEU B 192 -29.75 11.24 9.76
N GLU B 193 -29.30 10.93 10.97
CA GLU B 193 -29.66 9.71 11.68
C GLU B 193 -29.24 8.46 10.93
N LEU B 194 -28.03 8.47 10.37
CA LEU B 194 -27.50 7.25 9.79
C LEU B 194 -27.21 6.23 10.88
N ASP B 195 -27.21 4.95 10.50
CA ASP B 195 -26.73 3.88 11.34
C ASP B 195 -25.45 3.29 10.75
N ASP B 196 -24.87 2.32 11.46
CA ASP B 196 -23.59 1.77 11.05
C ASP B 196 -23.66 1.14 9.66
N SER B 197 -24.80 0.53 9.30
CA SER B 197 -24.91 -0.06 7.97
C SER B 197 -24.87 1.00 6.89
N ASP B 198 -25.49 2.17 7.14
CA ASP B 198 -25.36 3.29 6.20
C ASP B 198 -23.92 3.77 6.14
N LEU B 199 -23.31 3.98 7.31
CA LEU B 199 -21.99 4.59 7.36
C LEU B 199 -20.95 3.73 6.67
N ALA B 200 -21.08 2.41 6.74
CA ALA B 200 -20.08 1.55 6.12
C ALA B 200 -20.02 1.79 4.62
N LEU B 201 -21.18 1.95 3.98
CA LEU B 201 -21.19 2.29 2.56
C LEU B 201 -20.70 3.71 2.32
N PHE B 202 -21.12 4.64 3.18
CA PHE B 202 -20.71 6.03 3.03
C PHE B 202 -19.19 6.17 3.08
N ILE B 203 -18.57 5.51 4.07
CA ILE B 203 -17.12 5.56 4.20
C ILE B 203 -16.44 4.93 3.00
N ALA B 204 -16.94 3.78 2.54
CA ALA B 204 -16.36 3.15 1.37
C ALA B 204 -16.42 4.09 0.17
N ALA B 205 -17.54 4.79 0.00
CA ALA B 205 -17.67 5.72 -1.12
C ALA B 205 -16.67 6.86 -1.02
N ILE B 206 -16.38 7.32 0.19
CA ILE B 206 -15.38 8.38 0.37
C ILE B 206 -14.00 7.91 -0.06
N ILE B 207 -13.63 6.68 0.33
CA ILE B 207 -12.29 6.20 -0.01
C ILE B 207 -12.17 5.92 -1.50
N LEU B 208 -13.21 5.35 -2.12
CA LEU B 208 -13.15 4.96 -3.53
C LEU B 208 -13.55 6.14 -4.42
N CYS B 209 -12.66 7.12 -4.47
CA CYS B 209 -12.92 8.39 -5.14
C CYS B 209 -11.99 8.55 -6.33
N GLY B 210 -12.58 8.68 -7.54
CA GLY B 210 -11.78 8.71 -8.75
C GLY B 210 -11.07 10.03 -9.01
N ASP B 211 -11.41 11.07 -8.28
CA ASP B 211 -10.94 12.43 -8.45
C ASP B 211 -9.61 12.73 -7.75
N ARG B 212 -9.01 11.76 -7.06
CA ARG B 212 -7.85 12.06 -6.21
C ARG B 212 -6.63 12.42 -7.06
N PRO B 213 -5.80 13.35 -6.61
CA PRO B 213 -4.62 13.76 -7.39
C PRO B 213 -3.66 12.61 -7.62
N GLY B 214 -3.22 12.46 -8.88
CA GLY B 214 -2.19 11.48 -9.18
C GLY B 214 -2.65 10.05 -9.23
N LEU B 215 -3.96 9.82 -9.17
CA LEU B 215 -4.47 8.46 -9.23
C LEU B 215 -4.12 7.86 -10.59
N MET B 216 -3.71 6.60 -10.58
CA MET B 216 -3.23 5.95 -11.80
C MET B 216 -4.40 5.35 -12.61
N ASN B 217 -5.14 4.42 -12.03
CA ASN B 217 -6.22 3.74 -12.75
C ASN B 217 -7.56 4.39 -12.40
N VAL B 218 -7.76 5.59 -12.93
CA VAL B 218 -9.00 6.33 -12.67
C VAL B 218 -10.23 5.54 -13.10
N PRO B 219 -10.28 4.95 -14.31
CA PRO B 219 -11.51 4.26 -14.71
C PRO B 219 -11.92 3.16 -13.75
N ARG B 220 -10.95 2.41 -13.23
CA ARG B 220 -11.27 1.32 -12.31
C ARG B 220 -11.80 1.85 -10.98
N VAL B 221 -11.18 2.92 -10.46
CA VAL B 221 -11.68 3.51 -9.22
C VAL B 221 -13.07 4.08 -9.42
N GLU B 222 -13.29 4.78 -10.54
CA GLU B 222 -14.62 5.32 -10.84
C GLU B 222 -15.66 4.21 -10.89
N ALA B 223 -15.31 3.06 -11.46
CA ALA B 223 -16.28 1.97 -11.58
C ALA B 223 -16.60 1.36 -10.22
N ILE B 224 -15.59 1.20 -9.35
CA ILE B 224 -15.87 0.70 -8.02
C ILE B 224 -16.77 1.68 -7.26
N GLN B 225 -16.45 2.97 -7.32
CA GLN B 225 -17.27 3.95 -6.62
C GLN B 225 -18.70 3.92 -7.10
N ASP B 226 -18.92 3.78 -8.40
CA ASP B 226 -20.29 3.74 -8.87
C ASP B 226 -21.04 2.56 -8.26
N THR B 227 -20.40 1.40 -8.17
CA THR B 227 -21.06 0.26 -7.54
C THR B 227 -21.40 0.58 -6.09
N ILE B 228 -20.46 1.21 -5.36
CA ILE B 228 -20.74 1.56 -3.98
C ILE B 228 -21.91 2.54 -3.88
N LEU B 229 -21.93 3.55 -4.74
CA LEU B 229 -23.02 4.53 -4.70
C LEU B 229 -24.36 3.90 -5.06
N ARG B 230 -24.40 3.03 -6.08
CA ARG B 230 -25.65 2.32 -6.36
C ARG B 230 -26.07 1.46 -5.18
N ALA B 231 -25.12 0.77 -4.53
CA ALA B 231 -25.45 0.00 -3.34
C ALA B 231 -25.99 0.91 -2.24
N LEU B 232 -25.37 2.09 -2.07
CA LEU B 232 -25.82 3.01 -1.03
C LEU B 232 -27.24 3.49 -1.31
N GLU B 233 -27.51 3.88 -2.56
CA GLU B 233 -28.87 4.33 -2.87
C GLU B 233 -29.90 3.26 -2.58
N PHE B 234 -29.60 2.03 -2.99
CA PHE B 234 -30.48 0.89 -2.73
C PHE B 234 -30.64 0.65 -1.24
N HIS B 235 -29.53 0.64 -0.51
CA HIS B 235 -29.58 0.42 0.92
C HIS B 235 -30.48 1.44 1.62
N LEU B 236 -30.35 2.72 1.26
CA LEU B 236 -31.11 3.77 1.91
C LEU B 236 -32.60 3.66 1.61
N GLN B 237 -32.97 3.28 0.38
CA GLN B 237 -34.38 3.02 0.12
C GLN B 237 -34.93 2.01 1.12
N ALA B 238 -34.19 0.93 1.37
CA ALA B 238 -34.66 -0.11 2.28
C ALA B 238 -34.61 0.35 3.72
N ASN B 239 -33.51 0.98 4.13
CA ASN B 239 -33.28 1.27 5.54
C ASN B 239 -33.90 2.57 6.00
N HIS B 240 -34.08 3.55 5.10
CA HIS B 240 -34.70 4.84 5.43
C HIS B 240 -35.84 5.13 4.46
N PRO B 241 -36.86 4.28 4.43
CA PRO B 241 -37.92 4.44 3.41
C PRO B 241 -38.58 5.81 3.43
N ASP B 242 -38.81 6.39 4.60
CA ASP B 242 -39.51 7.66 4.68
C ASP B 242 -38.58 8.87 4.58
N ALA B 243 -37.26 8.65 4.58
CA ALA B 243 -36.30 9.76 4.59
C ALA B 243 -36.19 10.36 3.20
N GLN B 244 -36.64 11.60 3.05
CA GLN B 244 -36.72 12.23 1.74
C GLN B 244 -35.42 12.93 1.40
N TYR B 245 -34.92 12.69 0.19
CA TYR B 245 -33.72 13.32 -0.34
C TYR B 245 -32.44 12.86 0.34
N LEU B 246 -32.46 11.70 0.99
CA LEU B 246 -31.31 11.31 1.82
C LEU B 246 -30.07 11.06 0.99
N PHE B 247 -30.22 10.41 -0.17
CA PHE B 247 -29.04 10.08 -0.97
C PHE B 247 -28.36 11.33 -1.49
N PRO B 248 -29.06 12.28 -2.14
CA PRO B 248 -28.41 13.54 -2.54
C PRO B 248 -27.87 14.34 -1.36
N LYS B 249 -28.53 14.27 -0.21
CA LYS B 249 -27.98 14.94 0.96
C LYS B 249 -26.61 14.36 1.30
N LEU B 250 -26.48 13.04 1.25
CA LEU B 250 -25.19 12.41 1.55
C LEU B 250 -24.14 12.76 0.49
N LEU B 251 -24.54 12.88 -0.78
CA LEU B 251 -23.57 13.31 -1.77
C LEU B 251 -23.05 14.71 -1.46
N GLN B 252 -23.93 15.58 -0.98
CA GLN B 252 -23.48 16.92 -0.61
C GLN B 252 -22.56 16.87 0.60
N LYS B 253 -22.85 16.00 1.57
CA LYS B 253 -21.97 15.86 2.73
C LYS B 253 -20.57 15.44 2.32
N MET B 254 -20.46 14.59 1.28
CA MET B 254 -19.13 14.24 0.78
C MET B 254 -18.40 15.48 0.27
N ALA B 255 -19.09 16.36 -0.48
CA ALA B 255 -18.46 17.61 -0.89
C ALA B 255 -18.10 18.46 0.33
N ASP B 256 -19.01 18.54 1.31
CA ASP B 256 -18.76 19.32 2.51
C ASP B 256 -17.52 18.83 3.23
N LEU B 257 -17.33 17.51 3.29
CA LEU B 257 -16.16 16.95 3.97
C LEU B 257 -14.88 17.28 3.22
N ARG B 258 -14.93 17.32 1.89
CA ARG B 258 -13.72 17.69 1.17
C ARG B 258 -13.29 19.10 1.52
N GLN B 259 -14.25 20.00 1.69
CA GLN B 259 -13.95 21.38 2.07
C GLN B 259 -13.47 21.45 3.52
N LEU B 260 -14.08 20.67 4.40
CA LEU B 260 -13.64 20.59 5.78
C LEU B 260 -12.18 20.16 5.87
N VAL B 261 -11.78 19.22 5.01
CA VAL B 261 -10.41 18.71 5.07
C VAL B 261 -9.44 19.74 4.52
N THR B 262 -9.81 20.43 3.44
CA THR B 262 -8.96 21.50 2.91
C THR B 262 -8.66 22.53 3.99
N GLU B 263 -9.69 22.96 4.70
CA GLU B 263 -9.50 23.95 5.76
C GLU B 263 -8.67 23.38 6.89
N HIS B 264 -8.91 22.11 7.23
CA HIS B 264 -8.14 21.49 8.29
C HIS B 264 -6.67 21.40 7.91
N ALA B 265 -6.38 20.98 6.68
CA ALA B 265 -5.00 20.89 6.22
C ALA B 265 -4.30 22.22 6.31
N GLN B 266 -5.00 23.29 5.94
CA GLN B 266 -4.41 24.63 5.99
C GLN B 266 -4.10 25.04 7.43
N MET B 267 -5.00 24.72 8.37
CA MET B 267 -4.73 25.02 9.77
C MET B 267 -3.54 24.23 10.28
N MET B 268 -3.46 22.95 9.93
CA MET B 268 -2.34 22.14 10.36
C MET B 268 -1.02 22.69 9.81
N GLN B 269 -1.02 23.15 8.56
CA GLN B 269 0.21 23.72 8.02
C GLN B 269 0.59 25.01 8.73
N ARG B 270 -0.39 25.85 9.06
CA ARG B 270 -0.09 27.08 9.79
C ARG B 270 0.50 26.77 11.16
N ILE B 271 -0.05 25.77 11.84
CA ILE B 271 0.51 25.35 13.13
C ILE B 271 1.94 24.87 12.95
N LYS B 272 2.19 24.08 11.90
CA LYS B 272 3.55 23.60 11.66
C LYS B 272 4.50 24.76 11.42
N LYS B 273 4.00 25.87 10.84
CA LYS B 273 4.86 27.01 10.54
C LYS B 273 5.09 27.88 11.77
N THR B 274 4.03 28.17 12.54
CA THR B 274 4.13 29.12 13.63
C THR B 274 4.52 28.47 14.95
N GLU B 275 4.03 27.26 15.24
CA GLU B 275 4.39 26.56 16.46
C GLU B 275 5.56 25.62 16.17
N THR B 276 6.72 26.23 15.92
CA THR B 276 7.90 25.49 15.49
C THR B 276 8.34 24.43 16.50
N GLU B 277 7.99 24.59 17.77
CA GLU B 277 8.40 23.65 18.81
C GLU B 277 7.45 22.46 18.96
N THR B 278 6.32 22.44 18.26
CA THR B 278 5.41 21.30 18.31
C THR B 278 5.71 20.38 17.13
N SER B 279 5.54 19.08 17.36
CA SER B 279 5.87 18.08 16.35
C SER B 279 4.62 17.60 15.63
N LEU B 280 4.82 17.15 14.40
CA LEU B 280 3.78 16.51 13.61
C LEU B 280 4.19 15.06 13.37
N HIS B 281 3.27 14.14 13.61
CA HIS B 281 3.58 12.74 13.41
C HIS B 281 4.00 12.52 11.95
N PRO B 282 5.02 11.69 11.70
CA PRO B 282 5.53 11.56 10.33
C PRO B 282 4.49 11.10 9.32
N LEU B 283 3.57 10.22 9.71
CA LEU B 283 2.54 9.79 8.77
C LEU B 283 1.67 10.97 8.35
N LEU B 284 1.32 11.84 9.30
CA LEU B 284 0.52 13.00 8.96
C LEU B 284 1.28 13.99 8.10
N GLN B 285 2.60 14.10 8.30
CA GLN B 285 3.40 14.94 7.41
C GLN B 285 3.32 14.44 5.97
N GLU B 286 3.38 13.13 5.80
CA GLU B 286 3.28 12.53 4.46
C GLU B 286 1.90 12.74 3.85
N ILE B 287 0.86 12.78 4.67
CA ILE B 287 -0.48 13.04 4.14
C ILE B 287 -0.60 14.50 3.70
N TYR B 288 -0.11 15.43 4.52
CA TYR B 288 -0.29 16.86 4.30
C TYR B 288 0.75 17.46 3.36
N LYS B 289 1.73 16.65 2.95
CA LYS B 289 2.87 17.15 2.18
C LYS B 289 2.43 18.03 1.01
N ASP B 290 1.63 17.48 0.10
CA ASP B 290 1.32 18.12 -1.16
C ASP B 290 -0.12 18.65 -1.23
N MET B 291 -0.70 18.94 -0.07
CA MET B 291 -1.99 19.62 -0.06
C MET B 291 -1.79 21.13 0.02
N TYR B 292 -2.80 21.87 -0.42
CA TYR B 292 -2.73 23.33 -0.36
C TYR B 292 -4.13 23.95 -0.36
#